data_4P9A
#
_entry.id   4P9A
#
_cell.length_a   68.890
_cell.length_b   68.890
_cell.length_c   400.190
_cell.angle_alpha   90.000
_cell.angle_beta   90.000
_cell.angle_gamma   120.000
#
_symmetry.space_group_name_H-M   'P 65 2 2'
#
loop_
_entity.id
_entity.type
_entity.pdbx_description
1 polymer 'Polymerase PA'
2 non-polymer GLYCEROL
3 water water
#
_entity_poly.entity_id   1
_entity_poly.type   'polypeptide(L)'
_entity_poly.pdbx_seq_one_letter_code
;SNARIEPFLRTTPRPLRLPNGPPCSQRSKFLLMDALKLSIEDPSHEGEGIPLYDAIKCMKTFFGWKEPNIIKPHEKGINP
NYLLTWKQVLAELQDIENEEKIPRTKNMKKTSQLKWALGENMAPEKVDFEDCKDVNDLKQYNSDEPEPRSLACWIQNEFN
KACELTDSSWVELDEIGEDVAPIEHIASMRRNYFTAEVSHCRATEYIMKGVYINTALLNASCAAMDDFQLIPMISKCRTK
EGRRKTNLYGFIIKGRSHLRNDTDVVNFVSMEFSLTDPRLEPHKWEKYCVLEIGDMLLRTAVGQVSRPMFLYVRTNGTSK
IKMKWGMEMRRCLLQSLQQIESMIEAESSVKEKDLTKEFFENKSETWPIGESPKGVEEGSIGKVCRTLLAKSVFNSLYAS
PQLEGFSAESRKLLLIVQALRDNLEPGTFDLEGLYEAIEECLINDPWVLLNASWFNSFLTHALR
;
_entity_poly.pdbx_strand_id   A
#
# COMPACT_ATOMS: atom_id res chain seq x y z
N ARG A 14 6.29 30.14 14.96
CA ARG A 14 6.91 29.03 15.68
C ARG A 14 6.75 27.72 14.94
N PRO A 15 7.87 27.02 14.68
CA PRO A 15 7.76 25.72 14.02
C PRO A 15 6.99 24.71 14.88
N LEU A 16 6.36 23.73 14.24
CA LEU A 16 5.64 22.68 14.94
C LEU A 16 6.61 21.79 15.69
N ARG A 17 6.26 21.39 16.91
CA ARG A 17 7.12 20.51 17.67
C ARG A 17 6.83 19.05 17.31
N LEU A 18 7.82 18.38 16.75
CA LEU A 18 7.70 16.96 16.47
C LEU A 18 8.20 16.16 17.65
N PRO A 19 7.55 15.01 17.94
CA PRO A 19 7.91 14.18 19.09
C PRO A 19 9.29 13.54 18.97
N ASN A 20 9.90 13.25 20.11
CA ASN A 20 11.11 12.45 20.14
C ASN A 20 10.75 10.98 20.27
N GLY A 21 11.74 10.12 20.10
CA GLY A 21 11.50 8.69 20.22
C GLY A 21 12.23 7.93 19.13
N PRO A 22 12.21 6.59 19.20
CA PRO A 22 12.78 5.73 18.17
C PRO A 22 12.12 5.97 16.81
N PRO A 23 12.79 5.58 15.72
CA PRO A 23 12.25 5.79 14.37
C PRO A 23 10.87 5.16 14.19
N CYS A 24 9.99 5.85 13.47
CA CYS A 24 8.67 5.33 13.17
C CYS A 24 8.76 4.11 12.25
N SER A 25 7.69 3.31 12.20
CA SER A 25 7.74 2.04 11.50
C SER A 25 6.60 1.90 10.49
N GLN A 26 6.74 0.96 9.57
CA GLN A 26 5.76 0.79 8.51
C GLN A 26 4.41 0.32 9.08
N ARG A 27 3.30 0.87 8.57
CA ARG A 27 1.99 0.48 9.06
CA ARG A 27 1.98 0.51 9.07
C ARG A 27 0.93 0.43 7.95
N SER A 28 1.37 0.41 6.70
CA SER A 28 0.43 0.27 5.60
C SER A 28 -0.14 -1.16 5.59
N LYS A 29 -1.21 -1.39 4.84
CA LYS A 29 -1.83 -2.72 4.83
C LYS A 29 -1.06 -3.70 3.95
N PHE A 30 -0.26 -3.18 3.03
CA PHE A 30 0.59 -4.04 2.21
C PHE A 30 1.89 -3.31 1.89
N LEU A 31 2.92 -4.04 1.45
CA LEU A 31 4.18 -3.40 1.10
C LEU A 31 3.97 -2.42 -0.03
N LEU A 32 4.77 -1.35 -0.04
CA LEU A 32 4.70 -0.37 -1.10
C LEU A 32 5.96 -0.45 -1.96
N MET A 33 6.97 0.37 -1.66
CA MET A 33 8.18 0.35 -2.47
C MET A 33 8.93 -0.99 -2.41
N ASP A 34 8.79 -1.73 -1.31
CA ASP A 34 9.54 -2.97 -1.14
C ASP A 34 8.88 -4.21 -1.76
N ALA A 35 7.70 -4.04 -2.36
CA ALA A 35 6.94 -5.16 -2.93
C ALA A 35 7.73 -5.85 -4.05
N LEU A 36 7.33 -7.07 -4.35
CA LEU A 36 7.94 -7.82 -5.44
C LEU A 36 6.87 -8.65 -6.12
N LYS A 37 6.82 -8.56 -7.45
CA LYS A 37 5.81 -9.26 -8.21
C LYS A 37 6.38 -10.52 -8.85
N LEU A 38 5.65 -11.62 -8.76
CA LEU A 38 5.82 -12.72 -9.69
C LEU A 38 4.73 -12.59 -10.76
N SER A 39 5.13 -12.55 -12.03
CA SER A 39 4.17 -12.23 -13.09
C SER A 39 4.09 -13.25 -14.20
N ILE A 40 2.94 -13.27 -14.87
CA ILE A 40 2.74 -14.10 -16.06
C ILE A 40 2.13 -13.21 -17.13
N GLU A 41 2.50 -13.44 -18.39
CA GLU A 41 2.14 -12.52 -19.46
C GLU A 41 1.08 -13.12 -20.37
N ASP A 42 0.17 -12.27 -20.83
CA ASP A 42 -0.94 -12.66 -21.70
C ASP A 42 -1.61 -13.97 -21.29
N PRO A 43 -2.11 -14.05 -20.04
CA PRO A 43 -2.62 -15.30 -19.48
C PRO A 43 -3.73 -15.94 -20.31
N GLU A 48 -7.83 -18.52 -16.52
CA GLU A 48 -7.34 -17.16 -16.65
C GLU A 48 -8.37 -16.16 -16.12
N GLY A 49 -8.44 -16.04 -14.80
CA GLY A 49 -9.41 -15.16 -14.17
C GLY A 49 -9.71 -15.52 -12.73
N ILE A 50 -9.55 -16.80 -12.40
CA ILE A 50 -9.73 -17.26 -11.02
C ILE A 50 -8.44 -17.04 -10.23
N PRO A 51 -8.51 -16.17 -9.21
CA PRO A 51 -7.33 -15.75 -8.44
C PRO A 51 -6.36 -16.87 -8.08
N LEU A 52 -6.87 -17.99 -7.57
CA LEU A 52 -6.02 -19.11 -7.15
C LEU A 52 -5.23 -19.67 -8.33
N TYR A 53 -5.92 -19.87 -9.45
CA TYR A 53 -5.32 -20.36 -10.69
C TYR A 53 -4.13 -19.50 -11.09
N ASP A 54 -4.39 -18.20 -11.21
CA ASP A 54 -3.37 -17.23 -11.56
C ASP A 54 -2.18 -17.28 -10.59
N ALA A 55 -2.47 -17.33 -9.29
CA ALA A 55 -1.41 -17.30 -8.28
C ALA A 55 -0.44 -18.45 -8.41
N ILE A 56 -0.97 -19.65 -8.63
CA ILE A 56 -0.16 -20.84 -8.82
C ILE A 56 0.72 -20.70 -10.05
N LYS A 57 0.12 -20.34 -11.17
CA LYS A 57 0.90 -20.14 -12.39
C LYS A 57 2.02 -19.12 -12.14
N CYS A 58 1.73 -18.01 -11.45
CA CYS A 58 2.77 -17.05 -11.09
C CYS A 58 3.89 -17.69 -10.22
N MET A 59 3.49 -18.47 -9.22
CA MET A 59 4.47 -19.14 -8.36
C MET A 59 5.43 -19.98 -9.20
N LYS A 60 4.87 -20.68 -10.17
CA LYS A 60 5.63 -21.63 -10.99
C LYS A 60 6.65 -20.94 -11.90
N THR A 61 6.59 -19.61 -12.02
CA THR A 61 7.56 -18.91 -12.85
C THR A 61 8.88 -18.72 -12.11
N PHE A 62 8.86 -18.96 -10.81
CA PHE A 62 10.06 -18.80 -10.00
C PHE A 62 10.62 -20.17 -9.64
N PHE A 63 11.93 -20.33 -9.78
CA PHE A 63 12.56 -21.63 -9.55
C PHE A 63 13.63 -21.58 -8.48
N GLY A 64 13.74 -20.45 -7.80
CA GLY A 64 14.75 -20.29 -6.79
C GLY A 64 14.29 -20.61 -5.38
N TRP A 65 13.10 -21.21 -5.25
CA TRP A 65 12.54 -21.54 -3.94
C TRP A 65 13.48 -22.41 -3.13
N LYS A 66 13.55 -22.14 -1.84
CA LYS A 66 14.33 -23.01 -0.95
C LYS A 66 13.66 -23.13 0.42
N GLU A 67 14.22 -23.98 1.27
CA GLU A 67 13.71 -24.14 2.62
C GLU A 67 13.66 -22.79 3.33
N PRO A 68 12.47 -22.37 3.77
CA PRO A 68 12.39 -21.04 4.37
C PRO A 68 12.95 -21.00 5.79
N ASN A 69 13.53 -19.86 6.15
CA ASN A 69 14.02 -19.62 7.51
C ASN A 69 13.75 -18.20 7.96
N ILE A 70 13.65 -17.98 9.26
CA ILE A 70 13.47 -16.66 9.82
C ILE A 70 14.79 -15.90 9.80
N ILE A 71 14.83 -14.72 9.16
CA ILE A 71 16.06 -13.94 9.17
C ILE A 71 15.90 -12.61 9.88
N LYS A 72 14.68 -12.19 10.18
CA LYS A 72 14.52 -11.05 11.07
C LYS A 72 13.23 -11.23 11.85
N PRO A 73 13.36 -11.58 13.13
CA PRO A 73 12.27 -11.94 14.04
C PRO A 73 11.32 -10.80 14.35
N HIS A 74 10.06 -11.14 14.56
CA HIS A 74 9.12 -10.22 15.16
C HIS A 74 9.34 -10.19 16.65
N GLU A 75 9.77 -9.05 17.16
CA GLU A 75 10.15 -8.90 18.55
C GLU A 75 9.01 -9.27 19.48
N LYS A 76 7.79 -9.00 19.07
CA LYS A 76 6.65 -9.20 19.95
C LYS A 76 5.75 -10.37 19.55
N GLY A 77 6.17 -11.18 18.58
CA GLY A 77 5.32 -12.23 18.06
C GLY A 77 5.84 -13.64 18.29
N ILE A 78 5.02 -14.63 18.02
CA ILE A 78 5.48 -16.02 18.12
C ILE A 78 6.09 -16.43 16.80
N ASN A 79 7.39 -16.25 16.67
CA ASN A 79 8.04 -16.39 15.39
C ASN A 79 7.89 -17.76 14.71
N PRO A 80 8.02 -18.87 15.46
CA PRO A 80 7.78 -20.16 14.79
C PRO A 80 6.41 -20.26 14.07
N ASN A 81 5.39 -19.62 14.63
CA ASN A 81 4.08 -19.64 14.00
C ASN A 81 4.06 -18.96 12.62
N TYR A 82 4.81 -17.88 12.45
CA TYR A 82 4.88 -17.23 11.15
C TYR A 82 5.53 -18.16 10.15
N LEU A 83 6.56 -18.89 10.57
CA LEU A 83 7.25 -19.79 9.65
C LEU A 83 6.36 -20.98 9.30
N LEU A 84 5.68 -21.53 10.29
CA LEU A 84 4.77 -22.64 10.07
C LEU A 84 3.62 -22.25 9.11
N THR A 85 3.20 -20.99 9.17
CA THR A 85 2.11 -20.50 8.32
C THR A 85 2.51 -20.49 6.86
N TRP A 86 3.68 -19.94 6.57
CA TRP A 86 4.19 -19.95 5.21
C TRP A 86 4.43 -21.37 4.70
N LYS A 87 4.98 -22.25 5.55
CA LYS A 87 5.14 -23.64 5.14
C LYS A 87 3.78 -24.30 4.87
N GLN A 88 2.78 -23.86 5.61
CA GLN A 88 1.46 -24.42 5.44
C GLN A 88 0.86 -23.93 4.11
N VAL A 89 1.11 -22.66 3.78
CA VAL A 89 0.62 -22.14 2.52
C VAL A 89 1.20 -22.94 1.37
N LEU A 90 2.50 -23.21 1.42
CA LEU A 90 3.14 -24.01 0.39
C LEU A 90 2.56 -25.42 0.33
N ALA A 91 2.35 -26.02 1.49
CA ALA A 91 1.83 -27.38 1.55
C ALA A 91 0.42 -27.48 0.96
N GLU A 92 -0.45 -26.53 1.28
CA GLU A 92 -1.82 -26.62 0.81
C GLU A 92 -1.88 -26.25 -0.67
N LEU A 93 -0.88 -25.49 -1.14
CA LEU A 93 -0.80 -25.20 -2.55
C LEU A 93 -0.36 -26.44 -3.31
N GLN A 94 0.56 -27.20 -2.72
CA GLN A 94 0.94 -28.49 -3.30
C GLN A 94 -0.23 -29.47 -3.33
N ASP A 95 -1.09 -29.43 -2.31
CA ASP A 95 -2.28 -30.29 -2.29
C ASP A 95 -3.19 -30.01 -3.48
N ILE A 96 -3.56 -28.74 -3.66
CA ILE A 96 -4.54 -28.39 -4.67
C ILE A 96 -3.95 -28.46 -6.08
N GLU A 97 -2.73 -28.96 -6.18
CA GLU A 97 -2.15 -29.28 -7.47
C GLU A 97 -2.19 -30.79 -7.70
N ASN A 98 -2.44 -31.53 -6.62
CA ASN A 98 -2.63 -32.97 -6.69
C ASN A 98 -4.09 -33.31 -6.96
N GLU A 99 -4.97 -32.33 -6.78
CA GLU A 99 -6.38 -32.47 -7.09
C GLU A 99 -6.60 -32.46 -8.61
N GLU A 100 -7.67 -33.12 -9.05
CA GLU A 100 -7.99 -33.19 -10.48
C GLU A 100 -8.25 -31.79 -11.03
N LYS A 101 -9.13 -31.04 -10.36
CA LYS A 101 -9.41 -29.68 -10.75
C LYS A 101 -9.08 -28.72 -9.61
N ILE A 102 -8.41 -27.62 -9.93
CA ILE A 102 -8.09 -26.57 -8.97
C ILE A 102 -9.37 -25.92 -8.46
N PRO A 103 -9.58 -25.93 -7.13
CA PRO A 103 -10.83 -25.38 -6.59
C PRO A 103 -10.92 -23.88 -6.85
N ARG A 104 -12.11 -23.31 -6.68
CA ARG A 104 -12.30 -21.89 -6.93
C ARG A 104 -11.68 -21.07 -5.79
N THR A 105 -11.81 -21.56 -4.57
CA THR A 105 -11.14 -20.96 -3.42
C THR A 105 -10.52 -22.05 -2.55
N LYS A 106 -9.55 -21.65 -1.72
CA LYS A 106 -8.94 -22.58 -0.79
C LYS A 106 -9.14 -22.09 0.62
N ASN A 107 -9.85 -22.89 1.41
CA ASN A 107 -9.97 -22.70 2.84
C ASN A 107 -8.85 -23.46 3.56
N MET A 108 -8.02 -22.75 4.33
CA MET A 108 -6.88 -23.33 5.01
C MET A 108 -7.31 -24.17 6.21
N LYS A 109 -6.60 -25.27 6.45
CA LYS A 109 -6.78 -26.02 7.68
C LYS A 109 -6.58 -25.10 8.89
N LYS A 110 -7.42 -25.25 9.89
CA LYS A 110 -7.34 -24.40 11.06
C LYS A 110 -6.31 -24.95 12.02
N THR A 111 -5.06 -24.73 11.68
CA THR A 111 -3.93 -25.18 12.49
C THR A 111 -3.70 -24.27 13.69
N SER A 112 -2.87 -24.73 14.62
CA SER A 112 -2.54 -23.96 15.81
C SER A 112 -1.86 -22.66 15.42
N GLN A 113 -0.95 -22.70 14.45
CA GLN A 113 -0.25 -21.48 14.03
C GLN A 113 -1.21 -20.45 13.43
N LEU A 114 -2.23 -20.90 12.69
CA LEU A 114 -3.17 -19.94 12.13
C LEU A 114 -4.15 -19.39 13.18
N LYS A 115 -4.63 -20.27 14.04
CA LYS A 115 -5.48 -19.85 15.14
C LYS A 115 -4.80 -18.76 15.97
N TRP A 116 -3.51 -18.95 16.27
CA TRP A 116 -2.79 -17.90 16.98
C TRP A 116 -2.63 -16.67 16.10
N ALA A 117 -2.21 -16.85 14.85
CA ALA A 117 -1.95 -15.67 14.02
C ALA A 117 -3.21 -14.87 13.74
N LEU A 118 -4.34 -15.54 13.71
CA LEU A 118 -5.59 -14.86 13.42
C LEU A 118 -6.38 -14.47 14.68
N GLY A 119 -5.75 -14.52 15.85
CA GLY A 119 -6.35 -13.98 17.06
C GLY A 119 -7.55 -14.77 17.53
N GLU A 120 -7.48 -16.08 17.41
CA GLU A 120 -8.64 -16.94 17.60
C GLU A 120 -8.41 -18.04 18.64
N PRO A 146 0.44 4.66 23.74
CA PRO A 146 0.83 4.97 22.36
C PRO A 146 2.17 5.71 22.29
N GLU A 147 3.25 4.95 22.10
CA GLU A 147 4.61 5.49 22.13
C GLU A 147 4.89 6.48 20.99
N PRO A 148 5.37 7.69 21.34
CA PRO A 148 5.79 8.67 20.34
C PRO A 148 7.00 8.22 19.53
N ARG A 149 7.01 8.50 18.24
CA ARG A 149 8.11 8.10 17.36
C ARG A 149 8.64 9.28 16.55
N SER A 150 9.93 9.26 16.25
CA SER A 150 10.51 10.30 15.42
C SER A 150 10.37 9.96 13.94
N LEU A 151 10.36 10.98 13.09
CA LEU A 151 10.35 10.82 11.66
C LEU A 151 11.62 10.10 11.20
N ALA A 152 11.46 9.10 10.35
CA ALA A 152 12.61 8.49 9.68
C ALA A 152 12.45 8.70 8.17
N CYS A 153 13.56 8.62 7.44
CA CYS A 153 13.58 9.01 6.03
C CYS A 153 12.83 8.05 5.10
N TRP A 154 12.53 6.86 5.57
CA TRP A 154 11.92 5.86 4.69
C TRP A 154 10.56 6.32 4.15
N ILE A 155 9.81 7.11 4.91
CA ILE A 155 8.46 7.45 4.44
C ILE A 155 8.53 8.52 3.33
N GLN A 156 9.47 9.45 3.44
CA GLN A 156 9.71 10.40 2.34
C GLN A 156 10.20 9.64 1.11
N ASN A 157 11.00 8.60 1.33
CA ASN A 157 11.47 7.77 0.22
C ASN A 157 10.30 7.02 -0.41
N GLU A 158 9.41 6.51 0.43
CA GLU A 158 8.21 5.84 -0.07
C GLU A 158 7.43 6.81 -0.96
N PHE A 159 7.26 8.02 -0.46
CA PHE A 159 6.48 8.99 -1.18
C PHE A 159 7.14 9.33 -2.52
N ASN A 160 8.45 9.53 -2.51
CA ASN A 160 9.18 9.78 -3.74
C ASN A 160 8.97 8.67 -4.76
N LYS A 161 9.01 7.43 -4.30
CA LYS A 161 8.80 6.28 -5.17
C LYS A 161 7.41 6.28 -5.76
N ALA A 162 6.44 6.74 -4.98
CA ALA A 162 5.05 6.75 -5.39
C ALA A 162 4.81 7.75 -6.53
N CYS A 163 5.66 8.77 -6.63
CA CYS A 163 5.49 9.80 -7.64
C CYS A 163 6.05 9.37 -9.00
N GLU A 164 6.86 8.32 -9.00
CA GLU A 164 7.59 7.91 -10.21
C GLU A 164 6.72 7.24 -11.26
N LEU A 165 7.19 7.26 -12.50
CA LEU A 165 6.61 6.47 -13.58
C LEU A 165 7.12 5.04 -13.55
N THR A 166 6.26 4.07 -13.88
CA THR A 166 6.67 2.68 -14.02
C THR A 166 6.64 2.31 -15.51
N ASP A 167 7.15 1.13 -15.83
CA ASP A 167 7.13 0.64 -17.22
C ASP A 167 5.77 0.16 -17.68
N SER A 168 4.84 0.03 -16.74
CA SER A 168 3.55 -0.55 -17.05
C SER A 168 2.39 0.43 -16.90
N SER A 169 1.32 0.17 -17.65
CA SER A 169 0.08 0.92 -17.55
C SER A 169 -0.87 0.23 -16.57
N TRP A 170 -1.35 0.96 -15.56
CA TRP A 170 -2.11 0.34 -14.49
C TRP A 170 -3.61 0.60 -14.59
N VAL A 171 -4.00 1.52 -15.45
CA VAL A 171 -5.41 1.82 -15.61
C VAL A 171 -5.63 2.28 -17.05
N GLU A 172 -6.76 1.91 -17.65
CA GLU A 172 -7.06 2.36 -19.00
C GLU A 172 -8.05 3.51 -18.93
N LEU A 173 -7.99 4.41 -19.91
CA LEU A 173 -8.93 5.53 -19.98
C LEU A 173 -10.37 5.02 -20.17
N ASP A 174 -11.23 5.32 -19.20
CA ASP A 174 -12.61 4.84 -19.19
C ASP A 174 -13.40 5.28 -20.42
N GLU A 184 -19.45 17.62 -21.39
CA GLU A 184 -18.79 18.64 -22.21
C GLU A 184 -17.54 18.07 -22.87
N HIS A 185 -16.84 18.90 -23.63
CA HIS A 185 -15.63 18.46 -24.33
C HIS A 185 -14.39 19.06 -23.68
N ILE A 186 -14.55 20.20 -23.03
CA ILE A 186 -13.47 20.79 -22.25
C ILE A 186 -13.10 19.87 -21.10
N ALA A 187 -14.12 19.29 -20.46
CA ALA A 187 -13.91 18.36 -19.38
C ALA A 187 -13.38 17.02 -19.90
N SER A 188 -13.58 16.79 -21.19
CA SER A 188 -13.12 15.56 -21.84
C SER A 188 -11.61 15.57 -22.09
N MET A 189 -11.12 16.61 -22.78
CA MET A 189 -9.70 16.72 -23.10
C MET A 189 -8.83 16.65 -21.86
N ARG A 190 -9.34 17.20 -20.76
CA ARG A 190 -8.63 17.22 -19.49
C ARG A 190 -8.47 15.83 -18.91
N ARG A 191 -9.52 15.01 -19.03
CA ARG A 191 -9.50 13.67 -18.43
C ARG A 191 -8.48 12.77 -19.13
N ASN A 192 -8.36 12.93 -20.44
CA ASN A 192 -7.45 12.12 -21.24
C ASN A 192 -5.97 12.52 -21.09
N TYR A 193 -5.70 13.82 -21.13
CA TYR A 193 -4.34 14.30 -20.86
C TYR A 193 -3.87 13.88 -19.46
N PHE A 194 -4.71 14.11 -18.46
CA PHE A 194 -4.39 13.75 -17.08
C PHE A 194 -4.08 12.25 -17.01
N THR A 195 -4.93 11.44 -17.65
CA THR A 195 -4.79 10.00 -17.56
C THR A 195 -3.48 9.55 -18.23
N ALA A 196 -3.13 10.22 -19.32
CA ALA A 196 -1.86 9.95 -19.99
C ALA A 196 -0.69 10.12 -19.02
N GLU A 197 -0.83 11.04 -18.09
CA GLU A 197 0.25 11.35 -17.16
C GLU A 197 0.31 10.41 -15.94
N VAL A 198 -0.80 9.81 -15.54
CA VAL A 198 -0.78 9.01 -14.32
C VAL A 198 -1.04 7.53 -14.51
N SER A 199 -1.43 7.11 -15.70
CA SER A 199 -1.71 5.69 -15.94
C SER A 199 -0.50 4.79 -15.68
N HIS A 200 0.71 5.32 -15.83
CA HIS A 200 1.89 4.52 -15.56
C HIS A 200 2.50 4.81 -14.19
N CYS A 201 1.93 5.77 -13.49
CA CYS A 201 2.46 6.19 -12.18
C CYS A 201 2.40 5.08 -11.13
N ARG A 202 3.42 4.99 -10.29
CA ARG A 202 3.49 3.94 -9.27
CA ARG A 202 3.46 3.92 -9.29
C ARG A 202 2.32 4.04 -8.28
N ALA A 203 1.93 5.27 -7.96
CA ALA A 203 0.79 5.49 -7.07
C ALA A 203 -0.48 4.83 -7.65
N THR A 204 -0.60 4.81 -8.97
CA THR A 204 -1.73 4.16 -9.61
C THR A 204 -1.65 2.65 -9.46
N GLU A 205 -0.43 2.10 -9.46
CA GLU A 205 -0.31 0.67 -9.14
C GLU A 205 -0.84 0.41 -7.73
N TYR A 206 -0.49 1.28 -6.79
CA TYR A 206 -0.94 1.10 -5.41
C TYR A 206 -2.48 1.15 -5.31
N ILE A 207 -3.11 2.04 -6.06
CA ILE A 207 -4.57 2.11 -6.11
C ILE A 207 -5.18 0.78 -6.55
N MET A 208 -4.70 0.26 -7.67
CA MET A 208 -5.25 -0.93 -8.28
C MET A 208 -4.95 -2.12 -7.42
N LYS A 209 -3.76 -2.12 -6.84
CA LYS A 209 -3.39 -3.14 -5.88
C LYS A 209 -4.34 -3.11 -4.70
N GLY A 210 -4.58 -1.91 -4.16
CA GLY A 210 -5.47 -1.76 -3.02
C GLY A 210 -6.93 -2.10 -3.36
N VAL A 211 -7.41 -1.68 -4.52
CA VAL A 211 -8.77 -2.01 -4.89
C VAL A 211 -8.90 -3.54 -4.96
N TYR A 212 -7.96 -4.20 -5.61
CA TYR A 212 -8.05 -5.65 -5.77
CA TYR A 212 -8.04 -5.65 -5.78
C TYR A 212 -8.08 -6.38 -4.42
N ILE A 213 -7.13 -6.08 -3.55
CA ILE A 213 -7.08 -6.87 -2.29
C ILE A 213 -8.25 -6.55 -1.32
N ASN A 214 -8.71 -5.30 -1.30
CA ASN A 214 -9.87 -4.98 -0.50
C ASN A 214 -11.16 -5.60 -1.07
N THR A 215 -11.26 -5.65 -2.38
CA THR A 215 -12.42 -6.29 -2.99
C THR A 215 -12.42 -7.76 -2.65
N ALA A 216 -11.26 -8.41 -2.80
CA ALA A 216 -11.15 -9.84 -2.54
C ALA A 216 -11.38 -10.14 -1.07
N LEU A 217 -10.84 -9.32 -0.19
CA LEU A 217 -10.99 -9.57 1.25
C LEU A 217 -12.42 -9.32 1.71
N LEU A 218 -13.05 -8.26 1.21
CA LEU A 218 -14.41 -7.93 1.62
C LEU A 218 -15.37 -9.00 1.11
N ASN A 219 -15.14 -9.48 -0.10
CA ASN A 219 -16.01 -10.49 -0.64
C ASN A 219 -15.88 -11.80 0.12
N ALA A 220 -14.65 -12.21 0.41
CA ALA A 220 -14.43 -13.46 1.12
C ALA A 220 -14.98 -13.36 2.53
N SER A 221 -14.92 -12.17 3.11
CA SER A 221 -15.49 -11.93 4.44
C SER A 221 -16.97 -12.20 4.51
N CYS A 222 -17.66 -11.99 3.41
CA CYS A 222 -19.11 -12.14 3.36
CA CYS A 222 -19.10 -12.17 3.44
C CYS A 222 -19.49 -13.56 2.94
N ALA A 223 -18.74 -14.10 1.98
CA ALA A 223 -19.11 -15.39 1.38
C ALA A 223 -18.55 -16.58 2.15
N ALA A 224 -17.58 -16.35 3.02
CA ALA A 224 -16.92 -17.47 3.69
C ALA A 224 -16.59 -17.12 5.14
N MET A 225 -17.62 -16.77 5.90
CA MET A 225 -17.38 -16.13 7.19
C MET A 225 -16.58 -16.98 8.19
N ASP A 226 -16.72 -18.29 8.14
CA ASP A 226 -16.06 -19.15 9.12
C ASP A 226 -14.81 -19.81 8.59
N ASP A 227 -14.39 -19.45 7.39
CA ASP A 227 -13.21 -20.08 6.84
C ASP A 227 -11.98 -19.20 6.89
N PHE A 228 -10.83 -19.80 7.14
CA PHE A 228 -9.55 -19.15 6.98
C PHE A 228 -9.19 -19.21 5.50
N GLN A 229 -9.87 -18.41 4.67
CA GLN A 229 -9.60 -18.46 3.23
C GLN A 229 -8.24 -17.90 2.84
N LEU A 230 -7.58 -18.60 1.92
CA LEU A 230 -6.33 -18.14 1.34
C LEU A 230 -6.63 -17.17 0.20
N ILE A 231 -6.05 -15.96 0.27
CA ILE A 231 -6.42 -14.91 -0.68
C ILE A 231 -5.22 -14.31 -1.38
N PRO A 232 -5.02 -14.68 -2.65
CA PRO A 232 -3.90 -14.13 -3.42
C PRO A 232 -3.92 -12.59 -3.47
N MET A 233 -2.76 -11.97 -3.39
CA MET A 233 -2.64 -10.52 -3.61
C MET A 233 -2.24 -10.33 -5.05
N ILE A 234 -3.16 -9.79 -5.86
CA ILE A 234 -2.96 -9.72 -7.30
C ILE A 234 -3.17 -8.30 -7.83
N SER A 235 -2.52 -7.99 -8.95
CA SER A 235 -2.84 -6.80 -9.72
C SER A 235 -2.65 -7.15 -11.18
N LYS A 236 -3.15 -6.31 -12.08
CA LYS A 236 -2.98 -6.53 -13.50
C LYS A 236 -2.50 -5.26 -14.15
N CYS A 237 -1.72 -5.41 -15.22
CA CYS A 237 -1.26 -4.25 -15.97
C CYS A 237 -0.96 -4.62 -17.42
N ARG A 238 -0.70 -3.61 -18.25
CA ARG A 238 -0.30 -3.83 -19.64
C ARG A 238 1.11 -3.30 -19.86
N THR A 239 1.93 -4.06 -20.60
CA THR A 239 3.30 -3.66 -20.84
C THR A 239 3.36 -2.54 -21.89
N LYS A 240 4.56 -2.00 -22.07
CA LYS A 240 4.79 -0.96 -23.07
C LYS A 240 4.49 -1.49 -24.47
N GLU A 241 4.59 -2.80 -24.64
CA GLU A 241 4.33 -3.41 -25.95
C GLU A 241 2.87 -3.88 -26.08
N GLY A 242 2.05 -3.62 -25.06
CA GLY A 242 0.63 -3.92 -25.14
C GLY A 242 0.19 -5.23 -24.51
N ARG A 243 1.15 -6.05 -24.11
CA ARG A 243 0.86 -7.35 -23.53
C ARG A 243 0.26 -7.23 -22.13
N ARG A 244 -0.81 -7.97 -21.86
CA ARG A 244 -1.43 -7.95 -20.54
C ARG A 244 -0.66 -8.85 -19.59
N LYS A 245 -0.47 -8.40 -18.36
CA LYS A 245 0.30 -9.17 -17.39
C LYS A 245 -0.46 -9.30 -16.07
N THR A 246 -0.37 -10.47 -15.46
CA THR A 246 -0.96 -10.70 -14.15
C THR A 246 0.13 -10.82 -13.09
N ASN A 247 0.00 -10.07 -11.99
CA ASN A 247 1.02 -9.98 -10.96
C ASN A 247 0.61 -10.56 -9.60
N LEU A 248 1.51 -11.31 -8.98
CA LEU A 248 1.30 -11.86 -7.62
C LEU A 248 2.28 -11.23 -6.63
N TYR A 249 1.77 -10.58 -5.59
CA TYR A 249 2.60 -9.92 -4.60
C TYR A 249 2.85 -10.82 -3.41
N GLY A 250 2.00 -11.84 -3.28
CA GLY A 250 1.98 -12.67 -2.09
C GLY A 250 0.56 -13.11 -1.77
N PHE A 251 0.30 -13.39 -0.51
CA PHE A 251 -0.97 -13.95 -0.06
C PHE A 251 -1.39 -13.35 1.26
N ILE A 252 -2.69 -13.27 1.50
CA ILE A 252 -3.13 -13.12 2.87
C ILE A 252 -4.03 -14.28 3.25
N ILE A 253 -4.16 -14.52 4.54
CA ILE A 253 -5.14 -15.48 5.02
C ILE A 253 -6.07 -14.72 5.93
N LYS A 254 -7.35 -14.87 5.67
CA LYS A 254 -8.42 -14.21 6.42
C LYS A 254 -8.76 -14.99 7.70
N GLY A 255 -9.14 -14.29 8.76
CA GLY A 255 -9.66 -14.94 9.96
C GLY A 255 -11.17 -15.05 9.89
N ARG A 256 -11.80 -15.40 11.00
CA ARG A 256 -13.25 -15.45 11.00
C ARG A 256 -13.81 -14.06 10.79
N SER A 257 -14.93 -13.98 10.10
CA SER A 257 -15.42 -12.65 9.71
C SER A 257 -16.93 -12.58 9.65
N HIS A 258 -17.54 -12.47 10.83
CA HIS A 258 -18.94 -12.11 10.89
C HIS A 258 -19.05 -10.60 11.03
N LEU A 259 -18.91 -9.90 9.92
CA LEU A 259 -18.88 -8.43 9.94
C LEU A 259 -20.30 -7.87 9.85
N ARG A 260 -20.94 -7.76 11.01
CA ARG A 260 -22.31 -7.27 11.10
C ARG A 260 -22.38 -5.76 10.96
N ASN A 261 -21.35 -5.08 11.49
CA ASN A 261 -21.30 -3.63 11.45
C ASN A 261 -20.10 -3.15 10.66
N ASP A 262 -20.14 -1.89 10.26
CA ASP A 262 -19.07 -1.32 9.48
C ASP A 262 -17.77 -1.26 10.26
N THR A 263 -17.87 -1.19 11.59
CA THR A 263 -16.67 -1.12 12.44
C THR A 263 -16.13 -2.48 12.88
N ASP A 264 -16.86 -3.55 12.61
CA ASP A 264 -16.33 -4.88 12.90
C ASP A 264 -15.06 -5.12 12.12
N VAL A 265 -14.13 -5.82 12.76
CA VAL A 265 -12.80 -6.02 12.23
C VAL A 265 -12.60 -7.47 11.84
N VAL A 266 -12.04 -7.71 10.66
CA VAL A 266 -11.57 -9.06 10.34
C VAL A 266 -10.05 -9.10 10.44
N ASN A 267 -9.52 -10.10 11.15
CA ASN A 267 -8.07 -10.25 11.22
C ASN A 267 -7.52 -10.98 10.02
N PHE A 268 -6.27 -10.70 9.67
CA PHE A 268 -5.61 -11.46 8.62
C PHE A 268 -4.11 -11.56 8.85
N VAL A 269 -3.46 -12.49 8.15
CA VAL A 269 -2.00 -12.53 8.18
C VAL A 269 -1.56 -12.34 6.74
N SER A 270 -0.63 -11.41 6.53
CA SER A 270 -0.15 -11.14 5.19
C SER A 270 1.26 -11.67 4.98
N MET A 271 1.51 -12.17 3.79
CA MET A 271 2.77 -12.78 3.41
C MET A 271 3.22 -12.21 2.07
N GLU A 272 4.26 -11.37 2.07
CA GLU A 272 4.56 -10.58 0.88
C GLU A 272 6.00 -10.70 0.40
N PHE A 273 6.16 -11.00 -0.88
CA PHE A 273 7.48 -11.13 -1.46
C PHE A 273 8.26 -9.82 -1.44
N SER A 274 9.57 -9.90 -1.28
CA SER A 274 10.41 -8.70 -1.36
C SER A 274 11.86 -9.06 -1.60
N LEU A 275 12.60 -8.13 -2.21
CA LEU A 275 14.05 -8.23 -2.31
C LEU A 275 14.72 -7.33 -1.29
N THR A 276 13.92 -6.56 -0.55
CA THR A 276 14.47 -5.73 0.52
C THR A 276 14.92 -6.54 1.76
N ASP A 277 16.21 -6.44 2.07
CA ASP A 277 16.81 -6.96 3.29
C ASP A 277 16.42 -6.04 4.45
N PRO A 278 15.59 -6.54 5.39
CA PRO A 278 15.02 -5.75 6.48
C PRO A 278 16.06 -5.31 7.50
N ARG A 279 17.27 -5.84 7.38
CA ARG A 279 18.31 -5.55 8.37
C ARG A 279 18.95 -4.21 8.11
N LEU A 280 18.67 -3.63 6.95
CA LEU A 280 19.17 -2.29 6.61
C LEU A 280 18.40 -1.19 7.34
N GLU A 281 17.10 -1.41 7.53
CA GLU A 281 16.25 -0.44 8.19
C GLU A 281 15.37 -1.19 9.17
N PRO A 282 15.96 -1.73 10.26
CA PRO A 282 15.20 -2.62 11.13
C PRO A 282 14.00 -1.94 11.72
N HIS A 283 14.13 -0.65 12.05
CA HIS A 283 13.05 0.10 12.67
C HIS A 283 11.81 0.15 11.79
N LYS A 284 12.02 0.10 10.48
CA LYS A 284 10.89 0.17 9.56
C LYS A 284 10.01 -1.07 9.71
N TRP A 285 10.61 -2.16 10.18
CA TRP A 285 9.95 -3.47 10.15
C TRP A 285 9.63 -4.07 11.51
N GLU A 286 9.41 -3.22 12.53
CA GLU A 286 9.15 -3.71 13.86
C GLU A 286 7.90 -4.58 13.95
N LYS A 287 6.93 -4.41 13.04
CA LYS A 287 5.71 -5.21 13.08
C LYS A 287 5.77 -6.54 12.29
N TYR A 288 6.91 -6.83 11.66
CA TYR A 288 7.00 -8.00 10.78
C TYR A 288 7.96 -9.08 11.26
N CYS A 289 7.67 -10.32 10.88
CA CYS A 289 8.64 -11.40 10.86
C CYS A 289 9.09 -11.52 9.42
N VAL A 290 10.39 -11.52 9.16
CA VAL A 290 10.80 -11.66 7.76
C VAL A 290 11.51 -12.99 7.58
N LEU A 291 11.06 -13.73 6.57
CA LEU A 291 11.66 -15.01 6.22
C LEU A 291 12.57 -14.85 5.01
N GLU A 292 13.54 -15.74 4.87
CA GLU A 292 14.24 -15.86 3.59
C GLU A 292 13.71 -17.10 2.90
N ILE A 293 13.20 -16.94 1.68
CA ILE A 293 12.41 -18.04 1.11
C ILE A 293 12.91 -18.56 -0.23
N GLY A 294 13.87 -17.86 -0.85
CA GLY A 294 14.42 -18.31 -2.11
C GLY A 294 15.63 -17.48 -2.53
N ASP A 295 16.20 -17.83 -3.68
CA ASP A 295 17.28 -17.04 -4.27
C ASP A 295 16.93 -16.64 -5.68
N MET A 296 17.14 -15.37 -5.99
CA MET A 296 16.83 -14.86 -7.30
C MET A 296 18.11 -14.54 -8.07
N LEU A 297 18.22 -15.08 -9.28
CA LEU A 297 19.35 -14.78 -10.15
C LEU A 297 18.97 -13.58 -11.01
N LEU A 298 19.62 -12.45 -10.75
CA LEU A 298 19.25 -11.20 -11.39
C LEU A 298 20.27 -10.76 -12.43
N ARG A 299 19.78 -10.44 -13.63
CA ARG A 299 20.63 -9.98 -14.72
C ARG A 299 20.94 -8.49 -14.58
N THR A 300 22.21 -8.17 -14.41
CA THR A 300 22.64 -6.77 -14.32
C THR A 300 23.66 -6.48 -15.41
N ALA A 301 23.92 -5.20 -15.69
CA ALA A 301 24.91 -4.87 -16.69
C ALA A 301 26.32 -5.17 -16.18
N VAL A 302 26.42 -5.62 -14.93
CA VAL A 302 27.69 -6.08 -14.36
C VAL A 302 27.81 -7.60 -14.51
N GLY A 303 26.68 -8.23 -14.83
CA GLY A 303 26.61 -9.67 -14.95
C GLY A 303 25.38 -10.15 -14.19
N GLN A 304 25.26 -11.46 -13.99
CA GLN A 304 24.15 -11.95 -13.18
C GLN A 304 24.56 -11.93 -11.71
N VAL A 305 23.63 -11.50 -10.86
CA VAL A 305 23.85 -11.44 -9.42
C VAL A 305 22.79 -12.26 -8.69
N SER A 306 23.21 -13.08 -7.74
CA SER A 306 22.26 -13.82 -6.90
C SER A 306 21.85 -12.96 -5.72
N ARG A 307 20.54 -12.81 -5.56
CA ARG A 307 20.03 -12.05 -4.44
C ARG A 307 18.93 -12.86 -3.77
N PRO A 308 18.91 -12.84 -2.44
CA PRO A 308 17.90 -13.58 -1.68
C PRO A 308 16.52 -12.96 -1.83
N MET A 309 15.52 -13.81 -1.86
CA MET A 309 14.13 -13.38 -1.86
C MET A 309 13.59 -13.47 -0.44
N PHE A 310 12.92 -12.42 0.02
CA PHE A 310 12.36 -12.43 1.37
C PHE A 310 10.85 -12.53 1.36
N LEU A 311 10.29 -12.94 2.51
CA LEU A 311 8.85 -12.90 2.70
C LEU A 311 8.56 -12.09 3.95
N TYR A 312 7.88 -10.96 3.77
CA TYR A 312 7.49 -10.12 4.90
C TYR A 312 6.15 -10.62 5.43
N VAL A 313 6.15 -11.08 6.69
CA VAL A 313 4.93 -11.58 7.32
C VAL A 313 4.49 -10.74 8.52
N ARG A 314 3.22 -10.35 8.53
CA ARG A 314 2.68 -9.77 9.75
C ARG A 314 1.20 -10.12 9.94
N THR A 315 0.72 -9.98 11.17
CA THR A 315 -0.71 -10.06 11.43
C THR A 315 -1.25 -8.64 11.36
N ASN A 316 -2.49 -8.50 10.92
CA ASN A 316 -3.09 -7.20 10.72
C ASN A 316 -4.59 -7.36 10.85
N GLY A 317 -5.32 -6.25 10.73
CA GLY A 317 -6.76 -6.28 10.73
C GLY A 317 -7.29 -5.07 9.99
N THR A 318 -8.52 -5.18 9.50
CA THR A 318 -9.17 -4.06 8.83
C THR A 318 -10.66 -4.18 9.08
N SER A 319 -11.38 -3.08 9.04
CA SER A 319 -12.81 -3.13 9.27
C SER A 319 -13.55 -3.13 7.96
N LYS A 320 -14.86 -3.39 8.03
CA LYS A 320 -15.73 -3.36 6.88
C LYS A 320 -15.66 -2.02 6.14
N ILE A 321 -15.70 -0.93 6.90
CA ILE A 321 -15.74 0.39 6.29
C ILE A 321 -14.39 0.73 5.64
N LYS A 322 -13.28 0.33 6.25
CA LYS A 322 -11.98 0.59 5.62
C LYS A 322 -11.92 -0.20 4.30
N MET A 323 -12.48 -1.41 4.28
CA MET A 323 -12.48 -2.19 3.04
C MET A 323 -13.35 -1.55 1.96
N LYS A 324 -14.49 -0.99 2.36
CA LYS A 324 -15.33 -0.30 1.40
C LYS A 324 -14.57 0.89 0.82
N TRP A 325 -13.87 1.63 1.67
CA TRP A 325 -13.05 2.75 1.18
C TRP A 325 -11.94 2.22 0.28
N GLY A 326 -11.33 1.10 0.67
CA GLY A 326 -10.32 0.46 -0.14
C GLY A 326 -10.82 0.16 -1.54
N MET A 327 -12.07 -0.35 -1.65
CA MET A 327 -12.65 -0.65 -2.96
CA MET A 327 -12.64 -0.65 -2.97
C MET A 327 -12.83 0.62 -3.79
N GLU A 328 -12.89 1.75 -3.10
CA GLU A 328 -13.14 3.03 -3.73
C GLU A 328 -11.89 3.86 -4.08
N MET A 329 -10.71 3.25 -4.01
CA MET A 329 -9.47 4.02 -4.17
C MET A 329 -9.30 4.69 -5.51
N ARG A 330 -10.06 4.26 -6.52
CA ARG A 330 -9.98 4.93 -7.83
C ARG A 330 -10.47 6.36 -7.74
N ARG A 331 -11.15 6.70 -6.66
CA ARG A 331 -11.58 8.09 -6.41
C ARG A 331 -10.36 9.01 -6.35
N CYS A 332 -9.19 8.45 -6.04
CA CYS A 332 -7.97 9.24 -5.92
C CYS A 332 -7.62 9.84 -7.27
N LEU A 333 -7.84 9.08 -8.33
CA LEU A 333 -7.61 9.59 -9.67
C LEU A 333 -8.52 10.77 -9.95
N LEU A 334 -9.81 10.60 -9.66
CA LEU A 334 -10.75 11.68 -9.90
C LEU A 334 -10.46 12.88 -8.99
N GLN A 335 -10.20 12.64 -7.71
CA GLN A 335 -10.01 13.72 -6.75
C GLN A 335 -8.81 14.63 -7.12
N SER A 336 -7.76 14.02 -7.64
CA SER A 336 -6.56 14.79 -7.99
C SER A 336 -6.70 15.40 -9.39
N LEU A 337 -7.53 14.80 -10.23
CA LEU A 337 -7.85 15.44 -11.51
C LEU A 337 -8.60 16.75 -11.27
N GLN A 338 -9.46 16.76 -10.25
CA GLN A 338 -10.28 17.95 -9.95
C GLN A 338 -9.42 19.11 -9.46
N GLN A 339 -8.34 18.79 -8.72
CA GLN A 339 -7.43 19.81 -8.23
C GLN A 339 -6.68 20.46 -9.39
N ILE A 340 -6.32 19.63 -10.36
CA ILE A 340 -5.67 20.11 -11.58
C ILE A 340 -6.59 21.05 -12.38
N GLU A 341 -7.84 20.64 -12.57
CA GLU A 341 -8.82 21.47 -13.27
C GLU A 341 -9.02 22.80 -12.55
N SER A 342 -9.00 22.76 -11.21
CA SER A 342 -9.10 23.98 -10.41
C SER A 342 -7.95 24.94 -10.73
N MET A 343 -6.76 24.39 -10.94
CA MET A 343 -5.60 25.19 -11.34
C MET A 343 -5.76 25.67 -12.78
N ILE A 344 -6.33 24.82 -13.63
CA ILE A 344 -6.55 25.15 -15.03
C ILE A 344 -7.67 26.18 -15.21
N GLU A 345 -8.74 26.02 -14.44
CA GLU A 345 -9.89 26.92 -14.53
C GLU A 345 -9.60 28.28 -13.88
N ALA A 346 -8.35 28.47 -13.45
CA ALA A 346 -7.91 29.75 -12.91
C ALA A 346 -7.22 30.58 -14.00
N GLU A 347 -7.53 30.26 -15.24
CA GLU A 347 -6.96 30.95 -16.39
C GLU A 347 -7.84 30.72 -17.62
N LEU A 355 -7.87 27.35 -22.07
CA LEU A 355 -6.43 27.24 -21.87
C LEU A 355 -6.02 25.88 -21.28
N THR A 356 -6.73 24.83 -21.68
CA THR A 356 -6.44 23.46 -21.21
C THR A 356 -5.25 22.83 -21.96
N LYS A 357 -5.27 22.97 -23.28
CA LYS A 357 -4.21 22.43 -24.14
C LYS A 357 -2.84 23.02 -23.78
N GLU A 358 -2.85 24.26 -23.31
CA GLU A 358 -1.62 24.96 -22.93
C GLU A 358 -0.94 24.33 -21.72
N PHE A 359 -1.74 23.95 -20.72
CA PHE A 359 -1.17 23.40 -19.48
C PHE A 359 -0.45 22.08 -19.70
N PHE A 360 -1.03 21.21 -20.53
CA PHE A 360 -0.54 19.84 -20.67
C PHE A 360 0.45 19.69 -21.83
N GLU A 361 0.67 20.76 -22.58
CA GLU A 361 1.59 20.72 -23.70
C GLU A 361 2.83 21.56 -23.43
N ASN A 362 2.74 22.47 -22.47
CA ASN A 362 3.87 23.31 -22.08
C ASN A 362 4.35 22.95 -20.69
N GLY A 379 10.14 22.87 -13.75
CA GLY A 379 8.75 22.53 -13.46
C GLY A 379 8.01 21.92 -14.64
N SER A 380 7.04 21.06 -14.35
CA SER A 380 6.31 20.34 -15.39
C SER A 380 4.97 19.76 -14.93
N ILE A 381 4.00 19.71 -15.83
CA ILE A 381 2.62 19.36 -15.49
C ILE A 381 2.51 17.87 -15.08
N GLY A 382 3.29 17.02 -15.74
CA GLY A 382 3.34 15.61 -15.42
C GLY A 382 3.67 15.35 -13.97
N LYS A 383 4.73 15.99 -13.48
CA LYS A 383 5.15 15.80 -12.09
C LYS A 383 4.11 16.32 -11.12
N VAL A 384 3.47 17.43 -11.46
CA VAL A 384 2.47 17.99 -10.56
C VAL A 384 1.28 17.03 -10.44
N CYS A 385 0.87 16.43 -11.56
CA CYS A 385 -0.24 15.46 -11.55
C CYS A 385 0.11 14.28 -10.65
N ARG A 386 1.28 13.70 -10.89
CA ARG A 386 1.68 12.47 -10.21
C ARG A 386 1.90 12.78 -8.73
N THR A 387 2.40 13.96 -8.42
CA THR A 387 2.61 14.32 -7.01
C THR A 387 1.27 14.50 -6.28
N LEU A 388 0.32 15.19 -6.89
CA LEU A 388 -1.01 15.29 -6.30
C LEU A 388 -1.64 13.91 -6.15
N LEU A 389 -1.47 13.04 -7.15
CA LEU A 389 -2.05 11.71 -7.07
C LEU A 389 -1.46 10.93 -5.91
N ALA A 390 -0.14 10.99 -5.76
CA ALA A 390 0.55 10.26 -4.69
C ALA A 390 0.14 10.72 -3.30
N LYS A 391 -0.01 12.02 -3.12
CA LYS A 391 -0.51 12.56 -1.87
C LYS A 391 -1.89 12.01 -1.56
N SER A 392 -2.77 12.07 -2.56
CA SER A 392 -4.12 11.54 -2.42
C SER A 392 -4.10 10.04 -2.11
N VAL A 393 -3.29 9.31 -2.85
CA VAL A 393 -3.19 7.88 -2.62
C VAL A 393 -2.64 7.61 -1.23
N PHE A 394 -1.61 8.36 -0.81
CA PHE A 394 -1.01 8.11 0.49
C PHE A 394 -1.95 8.52 1.63
N ASN A 395 -2.80 9.52 1.38
CA ASN A 395 -3.89 9.82 2.32
C ASN A 395 -4.84 8.63 2.57
N SER A 396 -5.06 7.82 1.53
CA SER A 396 -5.91 6.64 1.62
CA SER A 396 -5.92 6.65 1.64
C SER A 396 -5.17 5.49 2.29
N LEU A 397 -3.95 5.24 1.84
CA LEU A 397 -3.10 4.17 2.38
C LEU A 397 -2.83 4.31 3.86
N TYR A 398 -2.71 5.55 4.31
CA TYR A 398 -2.31 5.86 5.67
C TYR A 398 -3.39 6.64 6.38
N ALA A 399 -4.64 6.41 6.02
CA ALA A 399 -5.77 7.11 6.65
C ALA A 399 -5.72 6.94 8.16
N SER A 400 -6.07 7.99 8.88
CA SER A 400 -6.07 7.94 10.34
C SER A 400 -6.76 9.18 10.89
N PRO A 401 -7.28 9.09 12.12
CA PRO A 401 -7.86 10.26 12.79
C PRO A 401 -6.84 11.40 12.95
N GLN A 402 -5.59 11.05 13.25
CA GLN A 402 -4.51 12.03 13.38
C GLN A 402 -4.29 12.79 12.09
N LEU A 403 -4.35 12.08 10.96
CA LEU A 403 -4.17 12.71 9.67
C LEU A 403 -5.31 13.68 9.40
N GLU A 404 -6.50 13.31 9.83
CA GLU A 404 -7.66 14.17 9.63
C GLU A 404 -7.55 15.37 10.55
N GLY A 405 -7.13 15.12 11.78
CA GLY A 405 -6.88 16.19 12.72
C GLY A 405 -5.81 17.13 12.22
N PHE A 406 -4.70 16.59 11.74
CA PHE A 406 -3.60 17.43 11.29
C PHE A 406 -3.98 18.31 10.10
N SER A 407 -4.64 17.73 9.12
CA SER A 407 -4.94 18.48 7.90
C SER A 407 -5.99 19.56 8.15
N ALA A 408 -6.96 19.26 9.01
CA ALA A 408 -8.00 20.24 9.28
C ALA A 408 -7.47 21.40 10.11
N GLU A 409 -6.56 21.11 11.04
CA GLU A 409 -6.06 22.14 11.93
C GLU A 409 -4.93 22.94 11.31
N SER A 410 -3.99 22.27 10.65
CA SER A 410 -2.85 22.96 10.06
C SER A 410 -3.31 23.86 8.93
N ARG A 411 -4.44 23.51 8.33
CA ARG A 411 -5.07 24.34 7.32
C ARG A 411 -5.39 25.71 7.87
N LYS A 412 -5.79 25.76 9.14
CA LYS A 412 -6.14 27.02 9.80
C LYS A 412 -4.90 27.87 10.07
N LEU A 413 -3.84 27.22 10.55
CA LEU A 413 -2.59 27.93 10.84
C LEU A 413 -1.99 28.51 9.57
N LEU A 414 -2.08 27.74 8.50
CA LEU A 414 -1.61 28.16 7.18
C LEU A 414 -2.27 29.46 6.73
N LEU A 415 -3.59 29.49 6.81
CA LEU A 415 -4.34 30.67 6.41
C LEU A 415 -3.95 31.89 7.24
N ILE A 416 -3.67 31.66 8.51
CA ILE A 416 -3.32 32.77 9.39
C ILE A 416 -1.93 33.27 9.08
N VAL A 417 -1.02 32.34 8.81
CA VAL A 417 0.34 32.72 8.50
C VAL A 417 0.40 33.40 7.14
N GLN A 418 -0.34 32.86 6.17
CA GLN A 418 -0.42 33.47 4.84
C GLN A 418 -1.04 34.84 4.91
N ALA A 419 -1.90 35.07 5.90
CA ALA A 419 -2.54 36.36 6.04
C ALA A 419 -1.53 37.39 6.51
N LEU A 420 -0.38 36.92 6.97
CA LEU A 420 0.65 37.85 7.41
C LEU A 420 1.50 38.34 6.23
N ARG A 421 0.90 38.33 5.03
CA ARG A 421 1.42 39.08 3.89
C ARG A 421 1.08 40.55 4.05
N ASP A 422 0.51 40.89 5.20
CA ASP A 422 0.12 42.25 5.49
C ASP A 422 1.04 42.90 6.52
N ASN A 423 2.09 42.20 6.92
CA ASN A 423 3.06 42.74 7.89
C ASN A 423 4.41 43.10 7.26
N THR A 428 -11.05 33.97 21.02
CA THR A 428 -10.13 32.83 21.01
C THR A 428 -8.69 33.28 21.27
N PHE A 429 -8.47 34.59 21.27
CA PHE A 429 -7.20 35.21 21.66
C PHE A 429 -5.98 34.77 20.84
N ASP A 430 -5.03 34.09 21.50
CA ASP A 430 -3.74 33.76 20.90
C ASP A 430 -3.78 32.54 19.97
N LEU A 431 -2.60 32.05 19.59
CA LEU A 431 -2.50 30.88 18.74
C LEU A 431 -2.05 29.65 19.51
N GLU A 432 -1.81 29.80 20.81
CA GLU A 432 -1.33 28.70 21.63
C GLU A 432 -2.27 27.50 21.54
N GLY A 433 -3.56 27.77 21.42
CA GLY A 433 -4.56 26.72 21.33
C GLY A 433 -4.53 25.95 20.03
N LEU A 434 -4.27 26.66 18.93
CA LEU A 434 -4.24 26.05 17.60
C LEU A 434 -3.08 25.09 17.47
N TYR A 435 -1.90 25.52 17.90
CA TYR A 435 -0.71 24.67 17.90
C TYR A 435 -0.93 23.39 18.68
N GLU A 436 -1.59 23.48 19.83
CA GLU A 436 -1.85 22.32 20.66
C GLU A 436 -2.72 21.32 19.90
N ALA A 437 -3.68 21.84 19.13
CA ALA A 437 -4.59 20.99 18.38
C ALA A 437 -3.83 20.27 17.26
N ILE A 438 -2.95 20.99 16.60
CA ILE A 438 -2.13 20.40 15.55
C ILE A 438 -1.17 19.37 16.13
N GLU A 439 -0.36 19.80 17.09
CA GLU A 439 0.76 19.01 17.57
C GLU A 439 0.38 17.73 18.31
N GLU A 440 -0.82 17.70 18.87
CA GLU A 440 -1.25 16.50 19.56
C GLU A 440 -1.66 15.43 18.55
N CYS A 441 -1.75 15.80 17.28
CA CYS A 441 -1.96 14.84 16.21
C CYS A 441 -0.63 14.21 15.80
N LEU A 442 0.46 14.71 16.36
CA LEU A 442 1.79 14.28 15.95
C LEU A 442 2.38 13.33 16.97
N ILE A 443 2.11 12.04 16.80
CA ILE A 443 2.55 11.06 17.78
C ILE A 443 3.53 10.06 17.20
N ASN A 444 3.05 9.19 16.32
CA ASN A 444 3.91 8.14 15.79
C ASN A 444 3.53 7.69 14.38
N ASP A 445 2.60 8.38 13.75
CA ASP A 445 2.21 8.02 12.40
C ASP A 445 3.14 8.62 11.37
N PRO A 446 3.85 7.77 10.61
CA PRO A 446 4.89 8.25 9.68
C PRO A 446 4.36 9.24 8.65
N TRP A 447 3.16 9.01 8.13
CA TRP A 447 2.61 9.89 7.10
C TRP A 447 2.25 11.25 7.68
N VAL A 448 1.61 11.25 8.85
CA VAL A 448 1.29 12.50 9.52
C VAL A 448 2.58 13.26 9.87
N LEU A 449 3.58 12.53 10.34
CA LEU A 449 4.85 13.14 10.72
C LEU A 449 5.55 13.76 9.52
N LEU A 450 5.49 13.09 8.38
CA LEU A 450 6.10 13.60 7.16
C LEU A 450 5.41 14.89 6.72
N ASN A 451 4.08 14.90 6.72
CA ASN A 451 3.36 16.11 6.34
C ASN A 451 3.67 17.26 7.28
N ALA A 452 3.93 16.94 8.54
CA ALA A 452 4.34 17.95 9.51
C ALA A 452 5.67 18.53 9.10
N SER A 453 6.61 17.66 8.77
CA SER A 453 7.92 18.08 8.29
C SER A 453 7.79 18.96 7.03
N TRP A 454 6.88 18.59 6.13
CA TRP A 454 6.61 19.44 4.98
C TRP A 454 6.04 20.78 5.41
N PHE A 455 5.17 20.77 6.40
CA PHE A 455 4.52 21.98 6.88
C PHE A 455 5.56 22.92 7.45
N ASN A 456 6.52 22.38 8.18
CA ASN A 456 7.59 23.18 8.76
C ASN A 456 8.45 23.87 7.69
N SER A 457 8.69 23.18 6.58
CA SER A 457 9.40 23.79 5.44
C SER A 457 8.63 24.96 4.87
N PHE A 458 7.31 24.83 4.77
CA PHE A 458 6.48 25.93 4.28
C PHE A 458 6.57 27.11 5.23
N LEU A 459 6.57 26.84 6.52
CA LEU A 459 6.74 27.89 7.54
C LEU A 459 8.11 28.53 7.43
N THR A 460 9.15 27.71 7.37
CA THR A 460 10.52 28.20 7.33
C THR A 460 10.91 28.72 5.94
N HIS A 461 10.00 29.45 5.29
CA HIS A 461 10.27 30.00 3.97
C HIS A 461 9.36 31.19 3.67
#